data_4MJZ
#
_entry.id   4MJZ
#
_cell.length_a   115.477
_cell.length_b   115.477
_cell.length_c   152.055
_cell.angle_alpha   90.00
_cell.angle_beta   90.00
_cell.angle_gamma   120.00
#
_symmetry.space_group_name_H-M   'P 61 2 2'
#
loop_
_entity.id
_entity.type
_entity.pdbx_description
1 polymer "Orotidine 5'-phosphate decarboxylase"
2 non-polymer DI(HYDROXYETHYL)ETHER
3 non-polymer 'TRIETHYLENE GLYCOL'
4 non-polymer 'NITRATE ION'
5 water water
#
_entity_poly.entity_id   1
_entity_poly.type   'polypeptide(L)'
_entity_poly.pdbx_seq_one_letter_code
;MGSSHHHHHHENLYFQGVQAAVNTSEGCKNFFKTLDARIEAVDSLLTVGLDPHIADLPSPATAERAFVFCERIIRETLPF
TCCYKPNSAFFEAFGPPGLQALERVCALIPDDVPILLDAKRGDIGSTAQAYASSAFDAFKADGVTVNAYMGREAVRPFLS
YRNKGVFVLVKTSNQSSNEFQTLPVRVESSSDTQDVPLYVQMARVCNELAQECVSEEDSPSTTGHGLRHNASGGGVGLVV
GATDIEALREVRKACPDLYILAPGVGAQGADLERALSAGLCKDGKGMLIPVSRGISRAENLAAQANAYREQINEVRRGIV
QQYE
;
_entity_poly.pdbx_strand_id   A,B
#
loop_
_chem_comp.id
_chem_comp.type
_chem_comp.name
_chem_comp.formula
NO3 non-polymer 'NITRATE ION' 'N O3 -1'
PEG non-polymer DI(HYDROXYETHYL)ETHER 'C4 H10 O3'
PGE non-polymer 'TRIETHYLENE GLYCOL' 'C6 H14 O4'
#
# COMPACT_ATOMS: atom_id res chain seq x y z
N GLU A 26 8.73 -12.83 -36.09
CA GLU A 26 8.70 -12.57 -34.62
C GLU A 26 7.70 -13.48 -33.92
N GLY A 27 8.12 -14.73 -33.63
CA GLY A 27 7.27 -15.67 -32.88
C GLY A 27 7.58 -15.52 -31.39
N CYS A 28 8.00 -14.30 -31.00
CA CYS A 28 8.38 -13.96 -29.61
C CYS A 28 7.25 -13.28 -28.86
N LYS A 29 6.01 -13.69 -29.13
CA LYS A 29 4.87 -13.12 -28.43
C LYS A 29 4.93 -13.57 -26.98
N ASN A 30 4.62 -12.67 -26.06
CA ASN A 30 4.64 -12.97 -24.62
C ASN A 30 3.39 -12.41 -23.98
N PHE A 31 3.37 -12.30 -22.65
CA PHE A 31 2.21 -11.72 -22.01
C PHE A 31 2.36 -10.25 -21.70
N PHE A 32 3.20 -9.92 -20.73
CA PHE A 32 3.33 -8.53 -20.26
C PHE A 32 3.96 -7.48 -21.18
N LYS A 33 4.98 -7.84 -21.94
CA LYS A 33 5.58 -6.87 -22.83
C LYS A 33 4.68 -6.62 -23.99
N THR A 34 4.04 -7.68 -24.49
CA THR A 34 3.09 -7.58 -25.60
C THR A 34 1.90 -6.77 -25.10
N LEU A 35 1.47 -7.06 -23.87
CA LEU A 35 0.37 -6.36 -23.23
C LEU A 35 0.61 -4.84 -23.17
N ASP A 36 1.71 -4.45 -22.53
CA ASP A 36 2.06 -3.04 -22.38
C ASP A 36 2.03 -2.30 -23.72
N ALA A 37 2.52 -2.94 -24.77
CA ALA A 37 2.53 -2.31 -26.10
C ALA A 37 1.11 -2.18 -26.64
N ARG A 38 0.31 -3.22 -26.41
CA ARG A 38 -1.07 -3.24 -26.86
C ARG A 38 -1.89 -2.19 -26.09
N ILE A 39 -1.61 -2.07 -24.79
CA ILE A 39 -2.28 -1.10 -23.93
C ILE A 39 -2.01 0.31 -24.42
N GLU A 40 -0.75 0.59 -24.74
CA GLU A 40 -0.38 1.90 -25.26
C GLU A 40 -0.86 2.11 -26.69
N ALA A 41 -0.80 1.07 -27.51
CA ALA A 41 -1.22 1.17 -28.91
C ALA A 41 -2.71 1.54 -29.07
N VAL A 42 -3.59 0.76 -28.45
CA VAL A 42 -5.05 1.02 -28.53
C VAL A 42 -5.63 1.78 -27.34
N ASP A 43 -4.78 2.13 -26.39
CA ASP A 43 -5.20 2.90 -25.21
C ASP A 43 -6.37 2.24 -24.46
N SER A 44 -6.10 1.08 -23.87
CA SER A 44 -7.13 0.34 -23.17
C SER A 44 -6.60 -0.65 -22.15
N LEU A 45 -7.37 -0.83 -21.10
CA LEU A 45 -7.08 -1.84 -20.07
C LEU A 45 -8.22 -2.84 -20.08
N LEU A 46 -9.05 -2.74 -21.12
CA LEU A 46 -10.20 -3.60 -21.24
C LEU A 46 -9.78 -4.97 -21.68
N THR A 47 -10.26 -5.94 -20.93
CA THR A 47 -10.03 -7.32 -21.24
C THR A 47 -11.43 -7.82 -21.56
N VAL A 48 -11.53 -8.57 -22.65
CA VAL A 48 -12.82 -9.07 -23.07
C VAL A 48 -12.92 -10.54 -22.85
N GLY A 49 -13.88 -10.93 -22.03
CA GLY A 49 -14.12 -12.33 -21.75
C GLY A 49 -14.78 -12.99 -22.94
N LEU A 50 -14.38 -14.24 -23.20
CA LEU A 50 -14.97 -15.06 -24.25
C LEU A 50 -15.61 -16.24 -23.53
N ASP A 51 -16.83 -16.03 -23.07
CA ASP A 51 -17.57 -17.03 -22.31
C ASP A 51 -18.87 -17.42 -23.03
N PRO A 52 -18.83 -18.50 -23.84
CA PRO A 52 -20.02 -18.95 -24.53
C PRO A 52 -20.95 -19.80 -23.65
N HIS A 53 -21.79 -19.11 -22.88
CA HIS A 53 -22.77 -19.74 -22.06
C HIS A 53 -23.80 -20.31 -23.00
N ILE A 54 -24.19 -21.56 -22.77
CA ILE A 54 -25.19 -22.25 -23.58
C ILE A 54 -26.44 -21.38 -23.76
N ALA A 55 -26.86 -20.73 -22.67
CA ALA A 55 -28.04 -19.89 -22.65
C ALA A 55 -27.98 -18.71 -23.61
N ASP A 56 -26.77 -18.27 -23.95
CA ASP A 56 -26.60 -17.13 -24.84
C ASP A 56 -26.36 -17.52 -26.29
N LEU A 57 -26.33 -18.81 -26.57
CA LEU A 57 -26.08 -19.28 -27.93
C LEU A 57 -27.38 -19.68 -28.63
N PRO A 58 -27.41 -19.61 -29.97
CA PRO A 58 -28.62 -20.03 -30.67
C PRO A 58 -28.89 -21.50 -30.46
N SER A 59 -30.14 -21.83 -30.19
CA SER A 59 -30.54 -23.18 -29.93
C SER A 59 -30.66 -23.98 -31.23
N PRO A 60 -30.22 -25.25 -31.22
CA PRO A 60 -29.59 -25.94 -30.09
C PRO A 60 -28.10 -25.64 -30.08
N ALA A 61 -27.59 -25.30 -28.90
CA ALA A 61 -26.18 -24.96 -28.75
C ALA A 61 -25.23 -26.10 -29.15
N THR A 62 -24.08 -25.69 -29.70
CA THR A 62 -23.04 -26.62 -30.16
C THR A 62 -21.70 -25.98 -29.99
N ALA A 63 -20.64 -26.77 -30.13
CA ALA A 63 -19.28 -26.24 -30.02
C ALA A 63 -19.02 -25.32 -31.18
N GLU A 64 -19.62 -25.61 -32.33
CA GLU A 64 -19.44 -24.78 -33.50
C GLU A 64 -20.08 -23.44 -33.25
N ARG A 65 -21.30 -23.44 -32.72
CA ARG A 65 -21.97 -22.16 -32.43
C ARG A 65 -21.17 -21.35 -31.38
N ALA A 66 -20.52 -22.03 -30.45
CA ALA A 66 -19.68 -21.37 -29.44
C ALA A 66 -18.52 -20.64 -30.14
N PHE A 67 -17.95 -21.30 -31.16
CA PHE A 67 -16.87 -20.70 -31.95
C PHE A 67 -17.34 -19.40 -32.63
N VAL A 68 -18.43 -19.48 -33.38
CA VAL A 68 -18.98 -18.33 -34.09
C VAL A 68 -19.24 -17.19 -33.11
N PHE A 69 -19.79 -17.52 -31.95
CA PHE A 69 -20.09 -16.55 -30.91
C PHE A 69 -18.83 -15.79 -30.53
N CYS A 70 -17.77 -16.52 -30.26
CA CYS A 70 -16.50 -15.91 -29.86
C CYS A 70 -15.80 -15.15 -30.99
N GLU A 71 -16.04 -15.60 -32.22
CA GLU A 71 -15.47 -14.98 -33.41
C GLU A 71 -16.04 -13.58 -33.58
N ARG A 72 -17.36 -13.50 -33.61
CA ARG A 72 -18.03 -12.22 -33.78
C ARG A 72 -17.55 -11.21 -32.71
N ILE A 73 -17.41 -11.71 -31.47
CA ILE A 73 -16.97 -10.86 -30.35
C ILE A 73 -15.57 -10.28 -30.60
N ILE A 74 -14.67 -11.16 -30.99
CA ILE A 74 -13.30 -10.75 -31.29
C ILE A 74 -13.30 -9.80 -32.48
N ARG A 75 -14.02 -10.16 -33.52
CA ARG A 75 -14.08 -9.34 -34.72
C ARG A 75 -14.56 -7.94 -34.44
N GLU A 76 -15.46 -7.79 -33.49
CA GLU A 76 -16.04 -6.48 -33.22
C GLU A 76 -15.43 -5.65 -32.09
N THR A 77 -14.82 -6.29 -31.11
CA THR A 77 -14.25 -5.57 -29.98
C THR A 77 -12.74 -5.41 -30.06
N LEU A 78 -12.15 -6.03 -31.07
CA LEU A 78 -10.71 -6.04 -31.21
C LEU A 78 -10.09 -4.64 -31.08
N PRO A 79 -10.62 -3.66 -31.81
CA PRO A 79 -9.98 -2.34 -31.73
C PRO A 79 -9.95 -1.66 -30.35
N PHE A 80 -10.76 -2.14 -29.41
CA PHE A 80 -10.80 -1.54 -28.06
C PHE A 80 -10.24 -2.43 -26.97
N THR A 81 -9.83 -3.62 -27.36
CA THR A 81 -9.39 -4.64 -26.42
C THR A 81 -7.88 -4.79 -26.34
N CYS A 82 -7.36 -4.96 -25.12
CA CYS A 82 -5.91 -5.15 -24.92
C CYS A 82 -5.58 -6.61 -24.60
N CYS A 83 -6.62 -7.40 -24.35
CA CYS A 83 -6.46 -8.79 -23.94
C CYS A 83 -7.76 -9.57 -24.03
N TYR A 84 -7.70 -10.81 -24.47
CA TYR A 84 -8.90 -11.65 -24.56
C TYR A 84 -8.83 -12.76 -23.52
N LYS A 85 -9.91 -12.91 -22.77
CA LYS A 85 -9.96 -13.92 -21.71
C LYS A 85 -11.03 -14.96 -21.93
N PRO A 86 -10.68 -16.06 -22.61
CA PRO A 86 -11.65 -17.09 -22.76
C PRO A 86 -11.72 -17.92 -21.51
N ASN A 87 -12.92 -18.29 -21.08
CA ASN A 87 -13.05 -19.14 -19.90
C ASN A 87 -13.22 -20.57 -20.32
N SER A 88 -12.31 -21.43 -19.89
CA SER A 88 -12.27 -22.83 -20.30
C SER A 88 -13.53 -23.65 -19.98
N ALA A 89 -14.14 -23.39 -18.83
CA ALA A 89 -15.33 -24.13 -18.43
C ALA A 89 -16.43 -24.15 -19.49
N PHE A 90 -16.69 -23.02 -20.12
CA PHE A 90 -17.75 -22.95 -21.11
C PHE A 90 -17.44 -23.76 -22.35
N PHE A 91 -16.17 -23.88 -22.68
CA PHE A 91 -15.76 -24.74 -23.80
C PHE A 91 -15.79 -26.20 -23.38
N GLU A 92 -15.35 -26.47 -22.14
CA GLU A 92 -15.33 -27.83 -21.60
C GLU A 92 -16.74 -28.43 -21.52
N ALA A 93 -17.73 -27.56 -21.44
CA ALA A 93 -19.12 -27.99 -21.35
C ALA A 93 -19.58 -28.72 -22.61
N PHE A 94 -18.91 -28.48 -23.74
CA PHE A 94 -19.28 -29.18 -24.99
C PHE A 94 -18.41 -30.41 -25.26
N GLY A 95 -17.56 -30.78 -24.32
CA GLY A 95 -16.71 -31.97 -24.49
C GLY A 95 -15.53 -31.69 -25.39
N PRO A 96 -15.00 -32.73 -26.03
CA PRO A 96 -13.86 -32.53 -26.93
C PRO A 96 -14.12 -31.50 -28.01
N PRO A 97 -15.32 -31.54 -28.65
CA PRO A 97 -15.58 -30.50 -29.67
C PRO A 97 -15.50 -29.09 -29.06
N GLY A 98 -15.73 -28.99 -27.78
CA GLY A 98 -15.68 -27.69 -27.12
C GLY A 98 -14.24 -27.21 -27.04
N LEU A 99 -13.33 -28.13 -26.78
CA LEU A 99 -11.90 -27.77 -26.71
C LEU A 99 -11.33 -27.53 -28.11
N GLN A 100 -11.91 -28.22 -29.07
CA GLN A 100 -11.55 -28.09 -30.46
C GLN A 100 -11.92 -26.64 -30.84
N ALA A 101 -13.03 -26.15 -30.29
CA ALA A 101 -13.45 -24.77 -30.54
C ALA A 101 -12.53 -23.78 -29.80
N LEU A 102 -12.17 -24.10 -28.57
CA LEU A 102 -11.26 -23.25 -27.81
C LEU A 102 -9.94 -23.04 -28.54
N GLU A 103 -9.35 -24.14 -29.01
CA GLU A 103 -8.10 -24.06 -29.77
C GLU A 103 -8.27 -23.10 -30.95
N ARG A 104 -9.36 -23.28 -31.71
CA ARG A 104 -9.64 -22.42 -32.87
C ARG A 104 -9.88 -20.97 -32.46
N VAL A 105 -10.51 -20.74 -31.32
CA VAL A 105 -10.72 -19.36 -30.85
C VAL A 105 -9.38 -18.69 -30.52
N CYS A 106 -8.53 -19.40 -29.79
CA CYS A 106 -7.23 -18.84 -29.44
C CYS A 106 -6.39 -18.54 -30.68
N ALA A 107 -6.43 -19.43 -31.66
CA ALA A 107 -5.67 -19.25 -32.90
C ALA A 107 -6.18 -18.07 -33.72
N LEU A 108 -7.38 -17.62 -33.43
CA LEU A 108 -8.02 -16.52 -34.15
C LEU A 108 -7.54 -15.14 -33.69
N ILE A 109 -7.07 -15.06 -32.46
CA ILE A 109 -6.63 -13.81 -31.86
C ILE A 109 -5.25 -13.36 -32.38
N PRO A 110 -5.12 -12.07 -32.75
CA PRO A 110 -3.85 -11.59 -33.32
C PRO A 110 -2.62 -11.73 -32.41
N ASP A 111 -1.45 -11.66 -33.03
CA ASP A 111 -0.17 -11.80 -32.34
C ASP A 111 0.17 -10.66 -31.41
N ASP A 112 -0.52 -9.54 -31.58
CA ASP A 112 -0.25 -8.38 -30.75
C ASP A 112 -1.25 -8.24 -29.58
N VAL A 113 -2.09 -9.24 -29.37
CA VAL A 113 -3.09 -9.22 -28.31
C VAL A 113 -2.97 -10.45 -27.43
N PRO A 114 -2.58 -10.27 -26.15
CA PRO A 114 -2.47 -11.38 -25.25
C PRO A 114 -3.75 -12.15 -25.02
N ILE A 115 -3.57 -13.47 -24.87
CA ILE A 115 -4.64 -14.41 -24.63
C ILE A 115 -4.46 -14.95 -23.22
N LEU A 116 -5.37 -14.60 -22.32
CA LEU A 116 -5.34 -15.07 -20.94
C LEU A 116 -6.39 -16.18 -20.77
N LEU A 117 -5.92 -17.41 -20.64
CA LEU A 117 -6.81 -18.55 -20.50
C LEU A 117 -7.24 -18.66 -19.06
N ASP A 118 -8.52 -18.43 -18.82
CA ASP A 118 -9.08 -18.50 -17.50
C ASP A 118 -9.51 -19.95 -17.22
N ALA A 119 -8.61 -20.74 -16.68
CA ALA A 119 -8.89 -22.14 -16.38
C ALA A 119 -8.81 -22.47 -14.89
N LYS A 120 -8.32 -21.52 -14.09
CA LYS A 120 -8.14 -21.67 -12.66
C LYS A 120 -7.66 -23.08 -12.30
N ARG A 121 -6.55 -23.45 -12.91
CA ARG A 121 -5.94 -24.75 -12.70
C ARG A 121 -5.09 -24.72 -11.45
N GLY A 122 -5.08 -25.82 -10.73
CA GLY A 122 -4.31 -25.90 -9.50
C GLY A 122 -4.07 -27.32 -9.06
N ASP A 123 -2.86 -27.81 -9.29
CA ASP A 123 -2.49 -29.16 -8.86
C ASP A 123 -0.98 -29.23 -8.56
N ILE A 124 -0.51 -30.40 -8.12
CA ILE A 124 0.90 -30.62 -7.75
C ILE A 124 1.84 -30.57 -8.95
N GLY A 125 3.12 -30.43 -8.66
CA GLY A 125 4.18 -30.33 -9.67
C GLY A 125 4.02 -31.12 -10.97
N SER A 126 4.21 -32.43 -10.90
CA SER A 126 4.08 -33.30 -12.07
C SER A 126 2.86 -32.93 -12.89
N THR A 127 1.71 -32.89 -12.22
CA THR A 127 0.41 -32.61 -12.84
C THR A 127 0.25 -31.16 -13.33
N ALA A 128 0.74 -30.20 -12.56
CA ALA A 128 0.64 -28.79 -12.96
C ALA A 128 1.48 -28.54 -14.22
N GLN A 129 2.50 -29.36 -14.42
CA GLN A 129 3.37 -29.22 -15.58
C GLN A 129 2.58 -29.56 -16.84
N ALA A 130 1.68 -30.52 -16.71
CA ALA A 130 0.81 -30.93 -17.80
C ALA A 130 -0.28 -29.89 -18.08
N TYR A 131 -0.80 -29.24 -17.04
CA TYR A 131 -1.78 -28.17 -17.26
C TYR A 131 -1.07 -26.99 -17.94
N ALA A 132 0.18 -26.76 -17.56
CA ALA A 132 0.94 -25.68 -18.14
C ALA A 132 1.14 -25.93 -19.64
N SER A 133 1.60 -27.12 -19.94
CA SER A 133 1.84 -27.53 -21.30
C SER A 133 0.53 -27.43 -22.09
N SER A 134 -0.57 -27.85 -21.47
CA SER A 134 -1.87 -27.77 -22.13
C SER A 134 -2.16 -26.33 -22.55
N ALA A 135 -2.09 -25.43 -21.59
CA ALA A 135 -2.37 -24.03 -21.81
C ALA A 135 -1.44 -23.36 -22.83
N PHE A 136 -0.15 -23.69 -22.77
CA PHE A 136 0.86 -23.03 -23.62
C PHE A 136 1.25 -23.76 -24.90
N ASP A 137 1.60 -25.04 -24.80
CA ASP A 137 2.00 -25.82 -25.97
C ASP A 137 0.82 -26.19 -26.86
N ALA A 138 -0.28 -26.65 -26.26
CA ALA A 138 -1.48 -27.06 -27.01
C ALA A 138 -2.44 -25.91 -27.40
N PHE A 139 -3.05 -25.26 -26.41
CA PHE A 139 -3.99 -24.16 -26.69
C PHE A 139 -3.32 -22.86 -27.11
N LYS A 140 -2.03 -22.74 -26.82
CA LYS A 140 -1.24 -21.59 -27.23
C LYS A 140 -1.68 -20.28 -26.66
N ALA A 141 -2.00 -20.28 -25.38
CA ALA A 141 -2.37 -19.08 -24.67
C ALA A 141 -1.09 -18.37 -24.26
N ASP A 142 -1.21 -17.08 -23.92
CA ASP A 142 -0.07 -16.27 -23.52
C ASP A 142 -0.02 -16.17 -21.99
N GLY A 143 -1.16 -16.43 -21.35
CA GLY A 143 -1.29 -16.37 -19.90
C GLY A 143 -2.32 -17.35 -19.43
N VAL A 144 -2.39 -17.57 -18.12
CA VAL A 144 -3.35 -18.52 -17.56
C VAL A 144 -3.69 -18.20 -16.09
N THR A 145 -4.88 -18.61 -15.65
CA THR A 145 -5.29 -18.40 -14.25
C THR A 145 -4.99 -19.66 -13.49
N VAL A 146 -4.58 -19.46 -12.25
CA VAL A 146 -4.14 -20.55 -11.39
C VAL A 146 -4.65 -20.41 -9.97
N ASN A 147 -4.92 -21.56 -9.35
CA ASN A 147 -5.40 -21.62 -8.00
C ASN A 147 -4.26 -22.14 -7.15
N ALA A 148 -3.87 -21.35 -6.15
CA ALA A 148 -2.72 -21.65 -5.29
C ALA A 148 -3.03 -22.22 -3.94
N TYR A 149 -4.25 -22.72 -3.74
CA TYR A 149 -4.60 -23.33 -2.45
C TYR A 149 -3.54 -24.36 -2.01
N MET A 150 -2.93 -25.04 -2.97
CA MET A 150 -1.91 -26.06 -2.69
C MET A 150 -0.48 -25.51 -2.58
N GLY A 151 -0.36 -24.18 -2.55
CA GLY A 151 0.94 -23.53 -2.41
C GLY A 151 1.72 -23.28 -3.70
N ARG A 152 2.93 -22.76 -3.54
CA ARG A 152 3.79 -22.40 -4.68
C ARG A 152 4.18 -23.52 -5.65
N GLU A 153 4.09 -24.76 -5.22
CA GLU A 153 4.41 -25.89 -6.11
C GLU A 153 3.40 -25.98 -7.26
N ALA A 154 2.26 -25.32 -7.09
CA ALA A 154 1.20 -25.30 -8.09
C ALA A 154 1.34 -24.13 -9.05
N VAL A 155 2.18 -23.17 -8.71
CA VAL A 155 2.37 -21.99 -9.56
C VAL A 155 3.68 -22.04 -10.35
N ARG A 156 4.75 -22.52 -9.75
CA ARG A 156 6.06 -22.56 -10.42
C ARG A 156 6.09 -23.25 -11.78
N PRO A 157 5.46 -24.42 -11.91
CA PRO A 157 5.46 -25.10 -13.21
C PRO A 157 4.98 -24.22 -14.36
N PHE A 158 4.03 -23.34 -14.10
CA PHE A 158 3.54 -22.43 -15.11
C PHE A 158 4.55 -21.35 -15.40
N LEU A 159 5.25 -20.92 -14.35
CA LEU A 159 6.29 -19.88 -14.49
C LEU A 159 7.57 -20.37 -15.19
N SER A 160 7.74 -21.69 -15.37
CA SER A 160 8.96 -22.21 -16.06
C SER A 160 8.89 -21.76 -17.51
N TYR A 161 7.67 -21.55 -18.01
CA TYR A 161 7.43 -20.98 -19.32
C TYR A 161 7.65 -19.47 -19.07
N ARG A 162 8.91 -19.07 -19.16
CA ARG A 162 9.37 -17.71 -18.80
C ARG A 162 8.75 -16.47 -19.46
N ASN A 163 8.03 -16.63 -20.56
CA ASN A 163 7.42 -15.48 -21.23
C ASN A 163 5.92 -15.39 -21.01
N LYS A 164 5.39 -16.27 -20.17
CA LYS A 164 3.97 -16.35 -19.88
C LYS A 164 3.54 -15.61 -18.63
N GLY A 165 2.28 -15.18 -18.64
CA GLY A 165 1.67 -14.50 -17.50
C GLY A 165 0.95 -15.55 -16.67
N VAL A 166 1.16 -15.54 -15.36
CA VAL A 166 0.53 -16.51 -14.49
C VAL A 166 -0.26 -15.72 -13.44
N PHE A 167 -1.58 -15.76 -13.55
CA PHE A 167 -2.46 -15.05 -12.64
C PHE A 167 -3.02 -15.91 -11.53
N VAL A 168 -2.59 -15.61 -10.30
CA VAL A 168 -3.01 -16.36 -9.12
C VAL A 168 -4.26 -15.77 -8.47
N LEU A 169 -5.15 -16.65 -8.04
CA LEU A 169 -6.38 -16.26 -7.38
C LEU A 169 -6.05 -15.83 -5.98
N VAL A 170 -6.35 -14.59 -5.67
CA VAL A 170 -6.08 -14.05 -4.38
C VAL A 170 -7.38 -13.91 -3.60
N LYS A 171 -8.20 -12.98 -4.04
CA LYS A 171 -9.44 -12.66 -3.38
C LYS A 171 -10.42 -12.57 -4.52
N THR A 172 -11.32 -13.53 -4.63
CA THR A 172 -12.25 -13.52 -5.74
C THR A 172 -13.48 -12.64 -5.55
N SER A 173 -14.11 -12.35 -6.68
CA SER A 173 -15.28 -11.48 -6.79
C SER A 173 -16.59 -12.03 -6.26
N ASN A 174 -16.71 -13.34 -6.14
CA ASN A 174 -17.96 -13.95 -5.66
C ASN A 174 -18.22 -13.64 -4.18
N GLN A 175 -19.37 -14.10 -3.69
CA GLN A 175 -19.78 -13.85 -2.30
C GLN A 175 -19.01 -14.74 -1.36
N SER A 176 -18.92 -16.02 -1.70
CA SER A 176 -18.23 -17.03 -0.87
C SER A 176 -16.74 -16.78 -0.62
N SER A 177 -16.20 -15.75 -1.25
CA SER A 177 -14.81 -15.37 -1.00
C SER A 177 -14.69 -14.90 0.46
N ASN A 178 -15.83 -14.51 1.04
CA ASN A 178 -15.88 -14.06 2.43
C ASN A 178 -16.14 -15.28 3.33
N GLU A 179 -15.59 -16.42 2.96
CA GLU A 179 -15.79 -17.66 3.73
C GLU A 179 -14.46 -18.27 4.16
N PHE A 180 -13.48 -18.26 3.26
CA PHE A 180 -12.13 -18.75 3.58
C PHE A 180 -11.12 -17.64 3.36
N GLN A 181 -11.20 -17.02 2.20
CA GLN A 181 -10.28 -15.97 1.80
C GLN A 181 -10.15 -14.83 2.81
N THR A 182 -11.23 -14.48 3.50
CA THR A 182 -11.18 -13.38 4.48
C THR A 182 -10.91 -13.83 5.92
N LEU A 183 -10.52 -15.08 6.10
CA LEU A 183 -10.24 -15.59 7.45
C LEU A 183 -8.94 -15.04 8.01
N PRO A 184 -8.96 -14.56 9.27
CA PRO A 184 -7.74 -14.05 9.89
C PRO A 184 -6.70 -15.17 10.08
N VAL A 185 -5.51 -14.93 9.58
CA VAL A 185 -4.41 -15.89 9.61
C VAL A 185 -3.24 -15.45 10.50
N ARG A 186 -2.39 -16.40 10.88
CA ARG A 186 -1.19 -16.16 11.70
C ARG A 186 0.06 -16.62 10.95
N GLN A 194 -0.93 -9.51 15.69
CA GLN A 194 -1.27 -8.79 14.46
C GLN A 194 -1.51 -9.82 13.33
N ASP A 195 -2.79 -10.06 13.04
CA ASP A 195 -3.20 -11.05 12.03
C ASP A 195 -3.68 -10.44 10.73
N VAL A 196 -3.50 -11.19 9.65
CA VAL A 196 -3.90 -10.72 8.33
C VAL A 196 -4.84 -11.71 7.64
N PRO A 197 -5.74 -11.19 6.76
CA PRO A 197 -6.63 -12.11 6.06
C PRO A 197 -5.87 -13.04 5.16
N LEU A 198 -6.38 -14.25 5.03
CA LEU A 198 -5.77 -15.26 4.19
C LEU A 198 -5.38 -14.70 2.80
N TYR A 199 -6.30 -14.00 2.15
CA TYR A 199 -5.98 -13.47 0.81
C TYR A 199 -4.77 -12.54 0.82
N VAL A 200 -4.54 -11.86 1.94
CA VAL A 200 -3.37 -10.98 2.04
C VAL A 200 -2.09 -11.82 2.10
N GLN A 201 -2.12 -12.90 2.87
CA GLN A 201 -0.97 -13.78 2.95
C GLN A 201 -0.73 -14.38 1.58
N MET A 202 -1.81 -14.68 0.87
CA MET A 202 -1.72 -15.24 -0.47
C MET A 202 -1.01 -14.25 -1.40
N ALA A 203 -1.31 -12.98 -1.23
CA ALA A 203 -0.71 -11.95 -2.05
C ALA A 203 0.78 -11.83 -1.75
N ARG A 204 1.12 -11.88 -0.47
CA ARG A 204 2.51 -11.77 -0.03
C ARG A 204 3.35 -12.90 -0.57
N VAL A 205 2.75 -14.08 -0.67
CA VAL A 205 3.45 -15.23 -1.19
C VAL A 205 3.64 -15.03 -2.70
N CYS A 206 2.62 -14.49 -3.37
CA CYS A 206 2.71 -14.20 -4.80
C CYS A 206 3.81 -13.20 -5.12
N ASN A 207 3.91 -12.18 -4.28
CA ASN A 207 4.93 -11.14 -4.47
C ASN A 207 6.31 -11.72 -4.23
N GLU A 208 6.40 -12.57 -3.22
CA GLU A 208 7.64 -13.24 -2.86
C GLU A 208 8.01 -14.19 -4.00
N LEU A 209 7.00 -14.74 -4.65
CA LEU A 209 7.19 -15.65 -5.78
C LEU A 209 7.63 -14.89 -7.04
N ALA A 210 7.04 -13.71 -7.24
CA ALA A 210 7.42 -12.84 -8.36
C ALA A 210 8.88 -12.44 -8.22
N GLN A 211 9.26 -12.08 -7.00
CA GLN A 211 10.63 -11.67 -6.68
C GLN A 211 11.62 -12.83 -6.83
N GLU A 212 11.13 -14.04 -6.61
CA GLU A 212 11.93 -15.25 -6.73
C GLU A 212 12.24 -15.55 -8.21
N CYS A 213 11.29 -15.25 -9.10
N CYS A 213 11.29 -15.25 -9.10
CA CYS A 213 11.45 -15.50 -10.55
CA CYS A 213 11.45 -15.50 -10.55
C CYS A 213 12.10 -14.35 -11.35
C CYS A 213 12.09 -14.36 -11.35
N VAL A 214 12.52 -13.30 -10.65
CA VAL A 214 13.18 -12.15 -11.29
C VAL A 214 14.43 -11.83 -10.47
N SER A 215 14.82 -12.79 -9.62
CA SER A 215 15.96 -12.65 -8.71
C SER A 215 17.33 -12.49 -9.39
N GLU A 216 17.46 -12.98 -10.62
CA GLU A 216 18.73 -12.89 -11.35
C GLU A 216 18.85 -11.68 -12.30
N GLU A 217 17.81 -10.86 -12.36
CA GLU A 217 17.83 -9.66 -13.21
C GLU A 217 18.33 -8.47 -12.40
N ASP A 218 19.09 -7.59 -13.06
CA ASP A 218 19.64 -6.37 -12.42
C ASP A 218 18.59 -5.66 -11.57
N SER A 219 18.94 -5.48 -10.31
CA SER A 219 18.03 -4.87 -9.34
C SER A 219 18.76 -3.75 -8.56
N PRO A 220 18.06 -2.65 -8.25
CA PRO A 220 16.65 -2.42 -8.62
C PRO A 220 16.47 -2.25 -10.13
N SER A 221 15.22 -2.28 -10.59
CA SER A 221 14.93 -2.10 -12.00
C SER A 221 15.29 -0.70 -12.47
N THR A 222 15.44 -0.55 -13.77
CA THR A 222 15.80 0.73 -14.37
C THR A 222 14.55 1.46 -14.86
N THR A 223 13.42 0.75 -14.85
CA THR A 223 12.14 1.32 -15.29
C THR A 223 11.14 1.46 -14.15
N GLY A 224 11.39 0.81 -13.02
CA GLY A 224 10.50 0.92 -11.87
C GLY A 224 9.76 -0.35 -11.53
N HIS A 225 8.53 -0.47 -12.02
CA HIS A 225 7.72 -1.66 -11.72
C HIS A 225 8.44 -2.89 -12.26
N GLY A 226 9.50 -3.25 -11.54
CA GLY A 226 10.42 -4.34 -11.89
C GLY A 226 9.92 -5.75 -11.68
N LEU A 227 9.04 -5.93 -10.69
CA LEU A 227 8.46 -7.26 -10.45
C LEU A 227 7.21 -7.48 -11.31
N ARG A 228 6.81 -6.45 -12.04
CA ARG A 228 5.66 -6.52 -12.93
C ARG A 228 5.80 -7.73 -13.85
N HIS A 229 7.00 -7.87 -14.40
CA HIS A 229 7.32 -8.93 -15.31
C HIS A 229 8.83 -9.06 -15.46
N ASN A 230 9.25 -10.14 -16.11
CA ASN A 230 10.66 -10.42 -16.35
C ASN A 230 11.08 -10.01 -17.77
N ALA A 231 12.35 -10.20 -18.09
CA ALA A 231 12.91 -9.83 -19.41
C ALA A 231 12.24 -10.49 -20.61
N SER A 232 11.57 -11.62 -20.38
CA SER A 232 10.87 -12.37 -21.43
C SER A 232 9.41 -11.95 -21.57
N GLY A 233 8.96 -11.05 -20.70
CA GLY A 233 7.57 -10.59 -20.71
C GLY A 233 6.66 -11.53 -19.92
N GLY A 234 7.27 -12.41 -19.13
CA GLY A 234 6.51 -13.33 -18.30
C GLY A 234 6.50 -12.81 -16.88
N GLY A 235 5.64 -13.39 -16.05
CA GLY A 235 5.54 -12.97 -14.66
C GLY A 235 4.27 -13.39 -13.95
N VAL A 236 4.22 -12.97 -12.69
CA VAL A 236 3.11 -13.27 -11.81
C VAL A 236 2.05 -12.17 -11.81
N GLY A 237 0.80 -12.61 -11.94
CA GLY A 237 -0.34 -11.72 -11.92
C GLY A 237 -1.21 -12.11 -10.73
N LEU A 238 -2.20 -11.27 -10.45
CA LEU A 238 -3.10 -11.50 -9.33
C LEU A 238 -4.54 -11.34 -9.77
N VAL A 239 -5.41 -12.19 -9.23
CA VAL A 239 -6.84 -12.08 -9.52
C VAL A 239 -7.57 -11.61 -8.23
N VAL A 240 -8.03 -10.36 -8.28
CA VAL A 240 -8.74 -9.72 -7.17
C VAL A 240 -10.01 -9.04 -7.69
N GLY A 241 -11.15 -9.45 -7.15
CA GLY A 241 -12.43 -8.92 -7.57
C GLY A 241 -12.58 -7.42 -7.40
N ALA A 242 -13.10 -6.79 -8.45
CA ALA A 242 -13.36 -5.35 -8.46
C ALA A 242 -14.45 -5.01 -7.44
N THR A 243 -15.25 -6.00 -7.13
CA THR A 243 -16.34 -5.83 -6.19
C THR A 243 -15.85 -5.45 -4.77
N ASP A 244 -14.69 -5.97 -4.37
CA ASP A 244 -14.16 -5.67 -3.04
C ASP A 244 -13.05 -4.63 -3.10
N ILE A 245 -13.44 -3.37 -2.87
CA ILE A 245 -12.48 -2.25 -2.90
C ILE A 245 -11.39 -2.41 -1.83
N GLU A 246 -11.77 -2.85 -0.62
CA GLU A 246 -10.78 -2.97 0.45
C GLU A 246 -9.68 -3.95 0.04
N ALA A 247 -10.11 -5.09 -0.49
CA ALA A 247 -9.17 -6.12 -0.94
C ALA A 247 -8.18 -5.58 -1.96
N LEU A 248 -8.68 -4.86 -2.95
CA LEU A 248 -7.79 -4.24 -3.95
C LEU A 248 -6.75 -3.37 -3.25
N ARG A 249 -7.21 -2.55 -2.31
CA ARG A 249 -6.30 -1.67 -1.55
C ARG A 249 -5.26 -2.48 -0.78
N GLU A 250 -5.69 -3.53 -0.10
CA GLU A 250 -4.77 -4.37 0.65
C GLU A 250 -3.78 -5.12 -0.26
N VAL A 251 -4.28 -5.74 -1.33
CA VAL A 251 -3.41 -6.48 -2.26
C VAL A 251 -2.37 -5.59 -2.90
N ARG A 252 -2.80 -4.42 -3.37
CA ARG A 252 -1.89 -3.44 -3.98
C ARG A 252 -0.78 -3.09 -2.99
N LYS A 253 -1.12 -3.00 -1.72
CA LYS A 253 -0.14 -2.63 -0.69
C LYS A 253 0.90 -3.73 -0.48
N ALA A 254 0.49 -4.98 -0.63
CA ALA A 254 1.40 -6.11 -0.48
C ALA A 254 2.18 -6.33 -1.77
N CYS A 255 1.52 -6.11 -2.91
CA CYS A 255 2.12 -6.28 -4.24
C CYS A 255 1.98 -4.98 -5.02
N PRO A 256 2.92 -4.05 -4.83
CA PRO A 256 2.78 -2.73 -5.50
C PRO A 256 2.93 -2.70 -7.01
N ASP A 257 3.68 -3.62 -7.58
CA ASP A 257 3.99 -3.60 -9.01
C ASP A 257 3.16 -4.51 -9.86
N LEU A 258 2.75 -5.64 -9.31
CA LEU A 258 2.07 -6.69 -10.08
C LEU A 258 0.74 -6.33 -10.72
N TYR A 259 0.42 -6.99 -11.82
CA TYR A 259 -0.86 -6.80 -12.48
C TYR A 259 -1.98 -7.48 -11.73
N ILE A 260 -3.14 -6.84 -11.74
CA ILE A 260 -4.34 -7.36 -11.11
C ILE A 260 -5.47 -7.48 -12.12
N LEU A 261 -6.01 -8.69 -12.22
CA LEU A 261 -7.15 -8.95 -13.07
C LEU A 261 -8.33 -8.75 -12.13
N ALA A 262 -9.21 -7.81 -12.43
CA ALA A 262 -10.34 -7.52 -11.53
C ALA A 262 -11.74 -7.81 -12.07
N PRO A 263 -12.15 -9.09 -12.02
CA PRO A 263 -13.51 -9.39 -12.48
C PRO A 263 -14.56 -8.76 -11.58
N GLY A 264 -15.76 -8.57 -12.11
CA GLY A 264 -16.85 -7.98 -11.33
C GLY A 264 -17.67 -6.95 -12.05
N VAL A 265 -17.02 -6.16 -12.88
CA VAL A 265 -17.71 -5.11 -13.63
C VAL A 265 -18.81 -5.70 -14.52
N GLY A 266 -19.93 -5.00 -14.57
CA GLY A 266 -21.08 -5.44 -15.36
C GLY A 266 -21.95 -6.43 -14.59
N ALA A 267 -21.80 -7.70 -14.95
CA ALA A 267 -22.56 -8.81 -14.33
C ALA A 267 -22.79 -8.68 -12.81
N GLN A 268 -21.70 -8.61 -12.06
CA GLN A 268 -21.77 -8.53 -10.58
C GLN A 268 -21.92 -7.09 -10.05
N GLY A 269 -22.29 -6.17 -10.93
CA GLY A 269 -22.52 -4.76 -10.57
C GLY A 269 -21.46 -4.05 -9.75
N ALA A 270 -20.19 -4.37 -10.01
CA ALA A 270 -19.07 -3.75 -9.30
C ALA A 270 -18.94 -2.27 -9.64
N ASP A 271 -18.40 -1.49 -8.70
CA ASP A 271 -18.15 -0.05 -8.89
C ASP A 271 -16.82 0.12 -9.61
N LEU A 272 -16.88 0.40 -10.90
CA LEU A 272 -15.67 0.50 -11.73
C LEU A 272 -14.72 1.64 -11.38
N GLU A 273 -15.25 2.84 -11.17
CA GLU A 273 -14.37 3.98 -10.88
C GLU A 273 -13.63 3.77 -9.55
N ARG A 274 -14.33 3.31 -8.53
CA ARG A 274 -13.71 3.04 -7.23
C ARG A 274 -12.69 1.90 -7.26
N ALA A 275 -12.90 0.92 -8.12
CA ALA A 275 -11.99 -0.23 -8.23
C ALA A 275 -10.64 0.17 -8.81
N LEU A 276 -10.68 0.87 -9.93
CA LEU A 276 -9.47 1.34 -10.59
C LEU A 276 -8.65 2.24 -9.67
N SER A 277 -9.34 3.11 -8.93
CA SER A 277 -8.67 4.04 -8.01
C SER A 277 -7.87 3.30 -6.94
N ALA A 278 -8.41 2.18 -6.48
CA ALA A 278 -7.76 1.38 -5.47
C ALA A 278 -6.61 0.52 -5.99
N GLY A 279 -6.76 -0.02 -7.20
CA GLY A 279 -5.78 -0.96 -7.76
C GLY A 279 -4.79 -0.49 -8.81
N LEU A 280 -5.09 0.59 -9.52
CA LEU A 280 -4.16 1.08 -10.53
C LEU A 280 -2.86 1.52 -9.92
N CYS A 281 -1.76 1.33 -10.64
CA CYS A 281 -0.46 1.77 -10.19
C CYS A 281 -0.32 3.26 -10.54
N LYS A 282 0.80 3.87 -10.12
CA LYS A 282 1.07 5.30 -10.40
C LYS A 282 1.01 5.64 -11.89
N ASP A 283 1.51 4.73 -12.73
CA ASP A 283 1.60 4.95 -14.18
C ASP A 283 0.30 4.72 -14.95
N GLY A 284 -0.78 4.48 -14.22
CA GLY A 284 -2.09 4.26 -14.82
C GLY A 284 -2.28 2.88 -15.43
N LYS A 285 -1.41 1.94 -15.06
CA LYS A 285 -1.50 0.57 -15.57
C LYS A 285 -1.54 -0.42 -14.40
N GLY A 286 -1.10 -1.66 -14.65
CA GLY A 286 -1.03 -2.69 -13.62
C GLY A 286 -2.38 -3.27 -13.24
N MET A 287 -3.37 -3.02 -14.07
CA MET A 287 -4.70 -3.54 -13.78
C MET A 287 -5.47 -3.86 -15.08
N LEU A 288 -6.19 -4.99 -15.08
CA LEU A 288 -6.99 -5.43 -16.25
C LEU A 288 -8.43 -5.60 -15.86
N ILE A 289 -9.30 -4.99 -16.64
CA ILE A 289 -10.75 -5.04 -16.38
C ILE A 289 -11.45 -5.98 -17.37
N PRO A 290 -11.81 -7.18 -16.91
CA PRO A 290 -12.49 -8.15 -17.77
C PRO A 290 -13.99 -8.01 -17.75
N VAL A 291 -14.58 -8.05 -18.93
CA VAL A 291 -16.02 -7.97 -19.07
C VAL A 291 -16.43 -9.04 -20.06
N SER A 292 -17.53 -9.74 -19.74
CA SER A 292 -18.07 -10.81 -20.58
C SER A 292 -19.47 -10.45 -21.06
N ARG A 293 -20.47 -10.77 -20.25
CA ARG A 293 -21.88 -10.52 -20.57
C ARG A 293 -22.15 -9.05 -20.81
N GLY A 294 -21.43 -8.20 -20.09
CA GLY A 294 -21.57 -6.75 -20.22
C GLY A 294 -21.44 -6.34 -21.65
N ILE A 295 -20.60 -7.08 -22.38
CA ILE A 295 -20.37 -6.83 -23.78
C ILE A 295 -21.18 -7.76 -24.67
N SER A 296 -20.99 -9.07 -24.49
CA SER A 296 -21.65 -10.08 -25.34
C SER A 296 -23.15 -9.93 -25.51
N ARG A 297 -23.82 -9.41 -24.48
CA ARG A 297 -25.28 -9.22 -24.57
C ARG A 297 -25.70 -7.87 -25.17
N ALA A 298 -24.74 -6.97 -25.35
CA ALA A 298 -25.00 -5.61 -25.87
C ALA A 298 -25.57 -5.59 -27.28
N GLU A 299 -26.39 -4.60 -27.58
CA GLU A 299 -26.97 -4.43 -28.91
C GLU A 299 -25.84 -4.29 -29.92
N ASN A 300 -24.84 -3.48 -29.55
CA ASN A 300 -23.64 -3.24 -30.37
C ASN A 300 -22.38 -3.54 -29.52
N LEU A 301 -21.73 -4.64 -29.86
CA LEU A 301 -20.58 -5.13 -29.10
C LEU A 301 -19.44 -4.14 -29.12
N ALA A 302 -19.10 -3.67 -30.31
CA ALA A 302 -18.01 -2.73 -30.47
C ALA A 302 -18.22 -1.44 -29.71
N ALA A 303 -19.44 -0.89 -29.81
CA ALA A 303 -19.75 0.37 -29.11
C ALA A 303 -19.68 0.21 -27.60
N GLN A 304 -20.16 -0.93 -27.11
CA GLN A 304 -20.17 -1.20 -25.68
C GLN A 304 -18.76 -1.36 -25.15
N ALA A 305 -17.95 -2.10 -25.89
CA ALA A 305 -16.57 -2.32 -25.53
C ALA A 305 -15.89 -0.98 -25.35
N ASN A 306 -16.08 -0.11 -26.32
CA ASN A 306 -15.47 1.22 -26.27
C ASN A 306 -15.98 2.02 -25.08
N ALA A 307 -17.26 1.83 -24.75
CA ALA A 307 -17.86 2.55 -23.64
C ALA A 307 -17.10 2.21 -22.36
N TYR A 308 -16.85 0.93 -22.12
CA TYR A 308 -16.09 0.55 -20.93
C TYR A 308 -14.67 1.08 -21.04
N ARG A 309 -14.10 0.98 -22.22
CA ARG A 309 -12.74 1.45 -22.44
C ARG A 309 -12.59 2.88 -22.01
N GLU A 310 -13.47 3.73 -22.52
CA GLU A 310 -13.44 5.17 -22.23
C GLU A 310 -13.71 5.44 -20.79
N GLN A 311 -14.69 4.74 -20.25
CA GLN A 311 -15.04 4.84 -18.85
C GLN A 311 -13.79 4.57 -17.99
N ILE A 312 -13.08 3.50 -18.30
CA ILE A 312 -11.84 3.15 -17.61
C ILE A 312 -10.81 4.26 -17.78
N ASN A 313 -10.71 4.76 -19.00
CA ASN A 313 -9.72 5.79 -19.29
C ASN A 313 -9.95 7.07 -18.50
N GLU A 314 -11.20 7.45 -18.23
CA GLU A 314 -11.44 8.67 -17.44
C GLU A 314 -10.73 8.59 -16.08
N VAL A 315 -10.75 7.41 -15.47
CA VAL A 315 -10.09 7.23 -14.19
C VAL A 315 -8.57 7.30 -14.36
N ARG A 316 -8.02 6.57 -15.33
CA ARG A 316 -6.57 6.58 -15.59
C ARG A 316 -6.01 7.99 -15.79
N ARG A 317 -6.79 8.87 -16.39
CA ARG A 317 -6.34 10.25 -16.60
C ARG A 317 -6.02 10.90 -15.27
N GLY A 318 -6.96 10.80 -14.34
CA GLY A 318 -6.80 11.39 -13.00
C GLY A 318 -5.59 10.88 -12.25
N ILE A 319 -5.50 9.57 -12.13
CA ILE A 319 -4.40 8.88 -11.43
C ILE A 319 -3.01 9.32 -11.87
N VAL A 320 -2.84 9.38 -13.18
CA VAL A 320 -1.57 9.76 -13.80
C VAL A 320 -1.29 11.26 -13.69
N GLN A 321 -2.34 12.06 -13.55
CA GLN A 321 -2.20 13.52 -13.49
C GLN A 321 -1.83 14.04 -12.08
N GLN A 322 -2.28 13.31 -11.05
CA GLN A 322 -1.98 13.68 -9.67
C GLN A 322 -0.48 13.70 -9.39
N TYR A 323 0.26 12.83 -10.07
CA TYR A 323 1.71 12.73 -9.87
C TYR A 323 2.54 13.36 -10.98
N GLU A 324 2.17 14.59 -11.35
CA GLU A 324 2.88 15.36 -12.37
C GLU A 324 2.59 16.85 -12.18
N GLY B 27 18.52 26.73 28.26
CA GLY B 27 17.13 26.20 28.41
C GLY B 27 16.18 26.52 27.26
N CYS B 28 16.73 26.71 26.05
CA CYS B 28 15.93 27.04 24.85
C CYS B 28 15.75 25.81 23.97
N LYS B 29 15.58 24.65 24.60
CA LYS B 29 15.36 23.42 23.85
C LYS B 29 13.99 23.48 23.23
N ASN B 30 13.88 23.10 21.97
CA ASN B 30 12.60 23.07 21.26
C ASN B 30 12.41 21.71 20.57
N PHE B 31 11.48 21.63 19.63
CA PHE B 31 11.28 20.39 18.92
C PHE B 31 12.04 20.35 17.62
N PHE B 32 11.57 21.11 16.63
CA PHE B 32 12.13 21.04 15.26
C PHE B 32 13.54 21.53 15.00
N LYS B 33 13.96 22.61 15.64
CA LYS B 33 15.32 23.09 15.41
C LYS B 33 16.30 22.17 16.14
N THR B 34 15.93 21.74 17.35
CA THR B 34 16.74 20.81 18.13
C THR B 34 16.84 19.51 17.35
N LEU B 35 15.72 19.12 16.75
CA LEU B 35 15.61 17.90 15.97
C LEU B 35 16.52 17.94 14.76
N ASP B 36 16.42 19.01 13.99
CA ASP B 36 17.26 19.14 12.80
C ASP B 36 18.75 19.06 13.13
N ALA B 37 19.14 19.60 14.28
CA ALA B 37 20.53 19.55 14.68
C ALA B 37 20.89 18.14 15.13
N ARG B 38 19.97 17.48 15.83
CA ARG B 38 20.22 16.12 16.34
C ARG B 38 20.36 15.19 15.13
N ILE B 39 19.45 15.36 14.17
CA ILE B 39 19.44 14.57 12.94
C ILE B 39 20.75 14.70 12.19
N GLU B 40 21.26 15.92 12.07
CA GLU B 40 22.52 16.13 11.35
C GLU B 40 23.70 15.68 12.20
N ALA B 41 23.62 15.91 13.51
CA ALA B 41 24.71 15.51 14.40
C ALA B 41 24.97 14.00 14.37
N VAL B 42 23.93 13.20 14.66
CA VAL B 42 24.08 11.73 14.70
C VAL B 42 23.67 10.99 13.44
N ASP B 43 23.25 11.75 12.42
CA ASP B 43 22.83 11.19 11.12
C ASP B 43 21.74 10.11 11.25
N SER B 44 20.55 10.51 11.69
CA SER B 44 19.48 9.57 11.90
C SER B 44 18.12 10.19 11.93
N LEU B 45 17.12 9.43 11.47
CA LEU B 45 15.70 9.83 11.52
C LEU B 45 14.96 8.87 12.44
N LEU B 46 15.74 8.00 13.08
CA LEU B 46 15.20 6.99 13.95
C LEU B 46 14.66 7.61 15.22
N THR B 47 13.41 7.28 15.48
CA THR B 47 12.75 7.69 16.67
C THR B 47 12.59 6.39 17.45
N VAL B 48 12.92 6.41 18.73
CA VAL B 48 12.83 5.21 19.52
C VAL B 48 11.67 5.28 20.51
N GLY B 49 10.76 4.33 20.39
CA GLY B 49 9.62 4.26 21.26
C GLY B 49 10.02 3.73 22.63
N LEU B 50 9.43 4.31 23.66
CA LEU B 50 9.64 3.87 25.04
C LEU B 50 8.30 3.38 25.52
N ASP B 51 7.99 2.13 25.21
CA ASP B 51 6.72 1.51 25.52
C ASP B 51 6.90 0.31 26.46
N PRO B 52 6.83 0.52 27.76
CA PRO B 52 6.98 -0.56 28.70
C PRO B 52 5.72 -1.42 28.88
N HIS B 53 5.52 -2.35 27.94
CA HIS B 53 4.41 -3.27 28.00
C HIS B 53 4.66 -4.18 29.17
N ILE B 54 3.62 -4.43 29.96
CA ILE B 54 3.71 -5.31 31.13
C ILE B 54 4.33 -6.67 30.78
N ALA B 55 3.89 -7.22 29.64
CA ALA B 55 4.38 -8.52 29.16
C ALA B 55 5.89 -8.56 28.95
N ASP B 56 6.50 -7.42 28.64
CA ASP B 56 7.94 -7.35 28.38
C ASP B 56 8.79 -7.05 29.59
N LEU B 57 8.15 -6.82 30.74
CA LEU B 57 8.87 -6.46 31.94
C LEU B 57 9.04 -7.64 32.87
N PRO B 58 10.09 -7.63 33.69
CA PRO B 58 10.26 -8.73 34.62
C PRO B 58 9.10 -8.79 35.61
N SER B 59 8.56 -9.99 35.77
CA SER B 59 7.45 -10.21 36.68
C SER B 59 7.89 -10.20 38.14
N PRO B 60 7.07 -9.61 39.02
CA PRO B 60 5.81 -8.93 38.75
C PRO B 60 6.11 -7.49 38.36
N ALA B 61 5.50 -7.05 37.27
CA ALA B 61 5.73 -5.72 36.72
C ALA B 61 5.36 -4.60 37.69
N THR B 62 6.15 -3.53 37.63
CA THR B 62 5.94 -2.35 38.47
C THR B 62 6.33 -1.13 37.68
N ALA B 63 6.04 0.04 38.26
CA ALA B 63 6.38 1.30 37.62
C ALA B 63 7.89 1.47 37.68
N GLU B 64 8.49 0.98 38.76
CA GLU B 64 9.93 1.07 38.89
C GLU B 64 10.55 0.27 37.75
N ARG B 65 10.13 -0.99 37.58
CA ARG B 65 10.63 -1.84 36.49
C ARG B 65 10.41 -1.18 35.11
N ALA B 66 9.31 -0.45 34.95
CA ALA B 66 9.06 0.25 33.68
C ALA B 66 10.16 1.30 33.45
N PHE B 67 10.51 2.03 34.52
CA PHE B 67 11.57 3.02 34.47
C PHE B 67 12.89 2.40 34.03
N VAL B 68 13.30 1.32 34.70
CA VAL B 68 14.56 0.63 34.39
C VAL B 68 14.61 0.17 32.94
N PHE B 69 13.51 -0.39 32.48
CA PHE B 69 13.35 -0.81 31.11
C PHE B 69 13.62 0.35 30.13
N CYS B 70 13.01 1.51 30.39
CA CYS B 70 13.20 2.66 29.52
C CYS B 70 14.59 3.26 29.61
N GLU B 71 15.19 3.16 30.79
CA GLU B 71 16.54 3.67 31.06
C GLU B 71 17.57 2.93 30.24
N ARG B 72 17.52 1.61 30.30
CA ARG B 72 18.45 0.77 29.56
C ARG B 72 18.33 1.03 28.06
N ILE B 73 17.11 1.21 27.58
CA ILE B 73 16.86 1.51 26.16
C ILE B 73 17.50 2.83 25.76
N ILE B 74 17.28 3.86 26.57
CA ILE B 74 17.88 5.17 26.31
C ILE B 74 19.40 5.10 26.40
N ARG B 75 19.92 4.42 27.41
CA ARG B 75 21.37 4.30 27.58
C ARG B 75 22.02 3.62 26.37
N GLU B 76 21.35 2.66 25.78
CA GLU B 76 21.95 1.91 24.67
C GLU B 76 21.67 2.37 23.25
N THR B 77 20.55 3.05 23.01
CA THR B 77 20.22 3.51 21.67
C THR B 77 20.50 4.99 21.43
N LEU B 78 20.90 5.69 22.48
CA LEU B 78 21.10 7.14 22.39
C LEU B 78 21.97 7.57 21.20
N PRO B 79 23.13 6.94 21.02
CA PRO B 79 23.98 7.37 19.90
C PRO B 79 23.38 7.22 18.51
N PHE B 80 22.27 6.51 18.36
CA PHE B 80 21.66 6.33 17.04
C PHE B 80 20.28 6.95 16.91
N THR B 81 19.81 7.57 17.98
CA THR B 81 18.46 8.09 18.05
C THR B 81 18.39 9.60 17.91
N CYS B 82 17.40 10.09 17.17
CA CYS B 82 17.23 11.54 16.99
C CYS B 82 16.06 12.08 17.82
N CYS B 83 15.25 11.14 18.32
CA CYS B 83 14.06 11.48 19.08
C CYS B 83 13.56 10.27 19.87
N TYR B 84 13.12 10.51 21.10
CA TYR B 84 12.55 9.44 21.94
C TYR B 84 11.04 9.65 22.06
N LYS B 85 10.29 8.57 21.88
CA LYS B 85 8.83 8.63 21.91
C LYS B 85 8.23 7.71 22.95
N PRO B 86 8.07 8.22 24.17
CA PRO B 86 7.42 7.40 25.17
C PRO B 86 5.92 7.42 24.93
N ASN B 87 5.26 6.28 25.14
CA ASN B 87 3.81 6.24 24.98
C ASN B 87 3.19 6.28 26.37
N SER B 88 2.36 7.29 26.59
CA SER B 88 1.73 7.55 27.89
C SER B 88 0.89 6.40 28.45
N ALA B 89 0.10 5.75 27.60
CA ALA B 89 -0.75 4.62 28.02
C ALA B 89 0.00 3.58 28.88
N PHE B 90 1.18 3.16 28.43
CA PHE B 90 1.91 2.11 29.15
C PHE B 90 2.33 2.56 30.54
N PHE B 91 2.53 3.86 30.70
CA PHE B 91 2.87 4.42 32.01
C PHE B 91 1.61 4.61 32.81
N GLU B 92 0.54 5.00 32.14
CA GLU B 92 -0.74 5.21 32.84
C GLU B 92 -1.28 3.90 33.42
N ALA B 93 -0.89 2.79 32.81
CA ALA B 93 -1.31 1.45 33.22
C ALA B 93 -0.89 1.14 34.66
N PHE B 94 0.15 1.81 35.16
CA PHE B 94 0.62 1.57 36.53
C PHE B 94 0.07 2.57 37.53
N GLY B 95 -0.84 3.44 37.08
CA GLY B 95 -1.41 4.45 37.95
C GLY B 95 -0.45 5.59 38.20
N PRO B 96 -0.64 6.31 39.31
CA PRO B 96 0.23 7.43 39.60
C PRO B 96 1.70 7.06 39.61
N PRO B 97 2.07 5.91 40.20
CA PRO B 97 3.50 5.55 40.14
C PRO B 97 3.99 5.42 38.69
N GLY B 98 3.09 5.15 37.77
CA GLY B 98 3.48 5.02 36.37
C GLY B 98 3.83 6.37 35.77
N LEU B 99 3.11 7.39 36.20
CA LEU B 99 3.34 8.75 35.69
C LEU B 99 4.57 9.34 36.38
N GLN B 100 4.80 8.85 37.57
CA GLN B 100 5.94 9.25 38.36
C GLN B 100 7.16 8.72 37.60
N ALA B 101 7.01 7.54 37.01
CA ALA B 101 8.07 6.93 36.20
C ALA B 101 8.23 7.68 34.88
N LEU B 102 7.12 8.06 34.27
CA LEU B 102 7.15 8.80 33.01
C LEU B 102 7.93 10.10 33.17
N GLU B 103 7.63 10.85 34.22
CA GLU B 103 8.34 12.09 34.48
C GLU B 103 9.84 11.82 34.60
N ARG B 104 10.20 10.75 35.31
CA ARG B 104 11.60 10.40 35.49
C ARG B 104 12.27 9.97 34.21
N VAL B 105 11.52 9.29 33.33
CA VAL B 105 12.07 8.89 32.04
C VAL B 105 12.33 10.11 31.17
N CYS B 106 11.37 11.02 31.11
CA CYS B 106 11.54 12.24 30.29
C CYS B 106 12.70 13.10 30.78
N ALA B 107 12.90 13.14 32.10
CA ALA B 107 14.01 13.93 32.69
C ALA B 107 15.37 13.28 32.43
N LEU B 108 15.34 12.03 32.02
CA LEU B 108 16.56 11.28 31.78
C LEU B 108 17.16 11.54 30.39
N ILE B 109 16.32 11.99 29.47
CA ILE B 109 16.72 12.24 28.07
C ILE B 109 17.49 13.55 27.90
N PRO B 110 18.63 13.52 27.20
CA PRO B 110 19.43 14.73 27.06
C PRO B 110 18.74 15.95 26.45
N ASP B 111 19.36 17.11 26.63
CA ASP B 111 18.83 18.40 26.14
C ASP B 111 18.91 18.56 24.64
N ASP B 112 19.73 17.75 23.99
CA ASP B 112 19.88 17.85 22.54
C ASP B 112 19.04 16.80 21.79
N VAL B 113 18.17 16.08 22.50
CA VAL B 113 17.32 15.04 21.90
C VAL B 113 15.85 15.29 22.21
N PRO B 114 15.05 15.57 21.19
CA PRO B 114 13.64 15.81 21.40
C PRO B 114 12.85 14.64 21.98
N ILE B 115 11.91 15.00 22.84
CA ILE B 115 11.03 14.06 23.50
C ILE B 115 9.66 14.29 22.93
N LEU B 116 9.10 13.28 22.29
CA LEU B 116 7.78 13.35 21.70
C LEU B 116 6.87 12.48 22.50
N LEU B 117 6.02 13.11 23.31
CA LEU B 117 5.08 12.35 24.14
C LEU B 117 3.91 11.87 23.32
N ASP B 118 3.80 10.55 23.17
CA ASP B 118 2.72 9.98 22.40
C ASP B 118 1.54 9.74 23.35
N ALA B 119 0.62 10.70 23.39
CA ALA B 119 -0.55 10.61 24.27
C ALA B 119 -1.87 10.69 23.51
N LYS B 120 -1.78 11.05 22.24
CA LYS B 120 -2.95 11.19 21.38
C LYS B 120 -4.11 11.84 22.11
N ARG B 121 -3.83 13.01 22.67
CA ARG B 121 -4.81 13.75 23.43
C ARG B 121 -5.69 14.54 22.49
N GLY B 122 -6.98 14.60 22.79
CA GLY B 122 -7.90 15.35 21.96
C GLY B 122 -9.15 15.79 22.70
N ASP B 123 -9.23 17.08 23.02
CA ASP B 123 -10.41 17.62 23.71
C ASP B 123 -10.55 19.12 23.40
N ILE B 124 -11.63 19.73 23.90
CA ILE B 124 -11.94 21.16 23.68
C ILE B 124 -10.93 22.11 24.33
N GLY B 125 -10.96 23.36 23.88
CA GLY B 125 -10.08 24.43 24.37
C GLY B 125 -9.66 24.37 25.83
N SER B 126 -10.57 24.73 26.72
CA SER B 126 -10.26 24.75 28.16
C SER B 126 -9.50 23.51 28.59
N THR B 127 -10.02 22.36 28.21
CA THR B 127 -9.46 21.07 28.60
C THR B 127 -8.16 20.73 27.87
N ALA B 128 -8.06 21.09 26.60
CA ALA B 128 -6.86 20.84 25.81
C ALA B 128 -5.69 21.68 26.35
N GLN B 129 -6.01 22.80 26.98
N GLN B 129 -6.01 22.82 26.96
CA GLN B 129 -5.00 23.69 27.52
CA GLN B 129 -4.99 23.70 27.52
C GLN B 129 -4.33 22.99 28.72
C GLN B 129 -4.33 23.00 28.72
N ALA B 130 -5.12 22.21 29.43
CA ALA B 130 -4.65 21.45 30.59
C ALA B 130 -3.82 20.25 30.15
N TYR B 131 -4.21 19.58 29.06
CA TYR B 131 -3.40 18.46 28.52
C TYR B 131 -2.07 19.04 28.02
N ALA B 132 -2.13 20.21 27.40
CA ALA B 132 -0.91 20.85 26.89
C ALA B 132 0.05 21.13 28.03
N SER B 133 -0.48 21.75 29.08
CA SER B 133 0.30 22.10 30.23
C SER B 133 0.89 20.83 30.85
N SER B 134 0.10 19.77 30.84
CA SER B 134 0.55 18.50 31.39
C SER B 134 1.80 18.06 30.65
N ALA B 135 1.66 17.94 29.35
CA ALA B 135 2.75 17.50 28.48
C ALA B 135 4.00 18.37 28.54
N PHE B 136 3.82 19.70 28.60
CA PHE B 136 4.93 20.63 28.54
C PHE B 136 5.45 21.17 29.87
N ASP B 137 4.54 21.63 30.73
CA ASP B 137 4.95 22.18 32.03
C ASP B 137 5.33 21.06 33.00
N ALA B 138 4.46 20.07 33.14
CA ALA B 138 4.69 18.95 34.08
C ALA B 138 5.67 17.88 33.61
N PHE B 139 5.34 17.15 32.55
CA PHE B 139 6.21 16.08 32.02
C PHE B 139 7.43 16.59 31.24
N LYS B 140 7.38 17.82 30.79
CA LYS B 140 8.51 18.48 30.10
C LYS B 140 8.93 17.87 28.77
N ALA B 141 7.93 17.49 27.99
CA ALA B 141 8.16 16.96 26.67
C ALA B 141 8.40 18.12 25.74
N ASP B 142 8.89 17.80 24.56
CA ASP B 142 9.21 18.81 23.54
C ASP B 142 8.14 18.78 22.45
N GLY B 143 7.42 17.66 22.40
CA GLY B 143 6.37 17.49 21.41
C GLY B 143 5.31 16.56 21.97
N VAL B 144 4.19 16.47 21.26
CA VAL B 144 3.09 15.63 21.72
C VAL B 144 2.15 15.22 20.58
N THR B 145 1.53 14.06 20.71
CA THR B 145 0.58 13.59 19.68
C THR B 145 -0.80 14.06 20.05
N VAL B 146 -1.56 14.40 19.02
CA VAL B 146 -2.88 14.95 19.20
C VAL B 146 -3.88 14.38 18.23
N ASN B 147 -5.11 14.23 18.72
CA ASN B 147 -6.22 13.73 17.93
C ASN B 147 -7.12 14.91 17.59
N ALA B 148 -7.34 15.14 16.31
CA ALA B 148 -8.12 16.30 15.86
C ALA B 148 -9.55 16.00 15.41
N TYR B 149 -10.12 14.90 15.85
CA TYR B 149 -11.52 14.59 15.50
C TYR B 149 -12.46 15.76 15.83
N MET B 150 -12.14 16.47 16.90
CA MET B 150 -12.92 17.61 17.35
C MET B 150 -12.54 18.92 16.67
N GLY B 151 -11.69 18.84 15.64
CA GLY B 151 -11.27 20.02 14.87
C GLY B 151 -10.06 20.79 15.40
N ARG B 152 -9.80 21.95 14.83
CA ARG B 152 -8.65 22.79 15.22
C ARG B 152 -8.63 23.34 16.63
N GLU B 153 -9.80 23.45 17.27
CA GLU B 153 -9.85 23.95 18.66
C GLU B 153 -9.12 22.99 19.59
N ALA B 154 -8.90 21.76 19.13
CA ALA B 154 -8.19 20.74 19.91
C ALA B 154 -6.69 20.75 19.67
N VAL B 155 -6.26 21.43 18.62
CA VAL B 155 -4.83 21.51 18.31
C VAL B 155 -4.19 22.86 18.72
N ARG B 156 -4.90 23.97 18.56
CA ARG B 156 -4.31 25.28 18.89
C ARG B 156 -3.74 25.41 20.27
N PRO B 157 -4.47 24.98 21.30
CA PRO B 157 -3.92 25.10 22.66
C PRO B 157 -2.50 24.53 22.83
N PHE B 158 -2.17 23.50 22.08
CA PHE B 158 -0.83 22.93 22.14
C PHE B 158 0.15 23.82 21.43
N LEU B 159 -0.32 24.41 20.31
CA LEU B 159 0.51 25.30 19.50
C LEU B 159 0.84 26.63 20.17
N SER B 160 0.07 27.03 21.18
CA SER B 160 0.38 28.26 21.95
C SER B 160 1.75 28.16 22.63
N TYR B 161 2.18 26.93 22.91
CA TYR B 161 3.51 26.69 23.41
C TYR B 161 4.31 26.69 22.11
N ARG B 162 4.74 27.89 21.72
CA ARG B 162 5.38 28.13 20.40
C ARG B 162 6.67 27.38 19.99
N ASN B 163 7.34 26.72 20.92
CA ASN B 163 8.56 25.99 20.58
C ASN B 163 8.33 24.50 20.53
N LYS B 164 7.09 24.09 20.77
CA LYS B 164 6.72 22.69 20.79
C LYS B 164 6.22 22.12 19.45
N GLY B 165 6.41 20.83 19.30
CA GLY B 165 5.95 20.12 18.12
C GLY B 165 4.60 19.52 18.43
N VAL B 166 3.65 19.65 17.52
CA VAL B 166 2.32 19.14 17.74
C VAL B 166 1.97 18.24 16.57
N PHE B 167 2.03 16.93 16.82
CA PHE B 167 1.75 15.92 15.80
C PHE B 167 0.31 15.44 15.80
N VAL B 168 -0.40 15.80 14.73
CA VAL B 168 -1.79 15.43 14.56
C VAL B 168 -1.97 14.10 13.84
N LEU B 169 -2.89 13.30 14.34
CA LEU B 169 -3.22 12.01 13.74
C LEU B 169 -3.97 12.26 12.44
N VAL B 170 -3.43 11.71 11.36
CA VAL B 170 -4.03 11.89 10.05
C VAL B 170 -4.59 10.57 9.56
N LYS B 171 -3.69 9.64 9.32
CA LYS B 171 -4.05 8.35 8.80
C LYS B 171 -3.19 7.43 9.59
N THR B 172 -3.82 6.65 10.46
CA THR B 172 -3.05 5.77 11.33
C THR B 172 -2.72 4.43 10.69
N SER B 173 -1.73 3.80 11.29
CA SER B 173 -1.15 2.54 10.85
C SER B 173 -2.01 1.30 11.04
N ASN B 174 -2.94 1.33 12.00
CA ASN B 174 -3.78 0.16 12.29
C ASN B 174 -4.71 -0.19 11.12
N GLN B 175 -5.42 -1.30 11.26
CA GLN B 175 -6.34 -1.76 10.22
C GLN B 175 -7.59 -0.90 10.15
N SER B 176 -8.21 -0.65 11.32
CA SER B 176 -9.45 0.15 11.42
C SER B 176 -9.38 1.59 10.90
N SER B 177 -8.19 2.02 10.48
CA SER B 177 -8.02 3.34 9.87
C SER B 177 -8.80 3.35 8.56
N ASN B 178 -9.08 2.17 8.04
CA ASN B 178 -9.83 2.02 6.80
C ASN B 178 -11.31 1.88 7.13
N GLU B 179 -11.75 2.57 8.17
CA GLU B 179 -13.16 2.51 8.60
C GLU B 179 -13.80 3.89 8.64
N PHE B 180 -13.04 4.91 9.03
CA PHE B 180 -13.50 6.29 9.02
C PHE B 180 -12.54 7.15 8.21
N GLN B 181 -11.25 7.01 8.51
CA GLN B 181 -10.21 7.82 7.90
C GLN B 181 -10.18 7.80 6.39
N THR B 182 -10.59 6.67 5.79
CA THR B 182 -10.59 6.52 4.31
C THR B 182 -11.94 6.76 3.66
N LEU B 183 -12.88 7.31 4.41
CA LEU B 183 -14.20 7.58 3.86
C LEU B 183 -14.15 8.78 2.94
N PRO B 184 -14.79 8.67 1.76
CA PRO B 184 -14.85 9.81 0.85
C PRO B 184 -15.65 10.97 1.46
N VAL B 185 -15.03 12.14 1.47
CA VAL B 185 -15.62 13.36 2.03
C VAL B 185 -15.94 14.42 0.98
N ARG B 186 -16.81 15.37 1.35
CA ARG B 186 -17.16 16.52 0.51
C ARG B 186 -16.73 17.81 1.21
N ASP B 195 -14.31 14.14 -4.77
CA ASP B 195 -14.22 13.86 -3.34
C ASP B 195 -12.85 13.32 -2.91
N VAL B 196 -12.50 13.62 -1.67
CA VAL B 196 -11.23 13.19 -1.09
C VAL B 196 -11.46 12.40 0.19
N PRO B 197 -10.52 11.50 0.52
CA PRO B 197 -10.66 10.75 1.76
C PRO B 197 -10.57 11.68 2.98
N LEU B 198 -11.25 11.28 4.04
CA LEU B 198 -11.26 12.06 5.27
C LEU B 198 -9.85 12.44 5.72
N TYR B 199 -8.93 11.48 5.74
CA TYR B 199 -7.57 11.77 6.20
C TYR B 199 -6.89 12.83 5.35
N VAL B 200 -7.31 12.97 4.09
CA VAL B 200 -6.69 13.99 3.23
C VAL B 200 -7.21 15.35 3.67
N GLN B 201 -8.50 15.44 3.93
CA GLN B 201 -9.06 16.69 4.41
C GLN B 201 -8.39 17.06 5.73
N MET B 202 -8.13 16.05 6.55
CA MET B 202 -7.48 16.24 7.84
C MET B 202 -6.10 16.86 7.64
N ALA B 203 -5.38 16.38 6.65
CA ALA B 203 -4.06 16.89 6.35
C ALA B 203 -4.14 18.35 5.85
N ARG B 204 -5.09 18.63 4.96
CA ARG B 204 -5.26 19.97 4.42
C ARG B 204 -5.60 20.98 5.51
N VAL B 205 -6.32 20.53 6.52
CA VAL B 205 -6.63 21.38 7.64
C VAL B 205 -5.35 21.63 8.41
N CYS B 206 -4.58 20.58 8.64
CA CYS B 206 -3.29 20.69 9.34
C CYS B 206 -2.33 21.66 8.65
N ASN B 207 -2.24 21.56 7.33
CA ASN B 207 -1.37 22.43 6.57
C ASN B 207 -1.86 23.88 6.64
N GLU B 208 -3.17 24.04 6.69
CA GLU B 208 -3.79 25.36 6.78
C GLU B 208 -3.52 25.90 8.19
N LEU B 209 -3.46 24.98 9.13
CA LEU B 209 -3.21 25.34 10.51
C LEU B 209 -1.73 25.71 10.69
N ALA B 210 -0.85 24.99 10.01
CA ALA B 210 0.59 25.25 10.06
C ALA B 210 0.86 26.63 9.52
N GLN B 211 0.20 26.93 8.40
N GLN B 211 0.22 26.94 8.39
CA GLN B 211 0.32 28.23 7.74
CA GLN B 211 0.36 28.26 7.77
C GLN B 211 -0.27 29.35 8.59
C GLN B 211 -0.20 29.35 8.67
N GLU B 212 -1.24 29.01 9.42
CA GLU B 212 -1.90 29.94 10.31
C GLU B 212 -0.96 30.33 11.46
N CYS B 213 -0.13 29.40 11.91
CA CYS B 213 0.80 29.63 13.04
C CYS B 213 2.17 30.18 12.66
N VAL B 214 2.37 30.42 11.36
CA VAL B 214 3.63 30.96 10.84
C VAL B 214 3.29 32.12 9.90
N SER B 215 2.07 32.62 10.02
CA SER B 215 1.55 33.70 9.17
C SER B 215 2.25 35.06 9.31
N GLU B 216 2.87 35.30 10.46
CA GLU B 216 3.56 36.58 10.71
C GLU B 216 5.07 36.56 10.41
N GLU B 217 5.60 35.42 9.99
CA GLU B 217 7.03 35.30 9.66
C GLU B 217 7.26 35.59 8.19
N ASP B 218 8.39 36.23 7.88
CA ASP B 218 8.74 36.59 6.50
C ASP B 218 8.51 35.45 5.55
N SER B 219 7.72 35.73 4.52
CA SER B 219 7.34 34.72 3.55
C SER B 219 7.51 35.29 2.13
N PRO B 220 7.97 34.45 1.17
CA PRO B 220 8.31 33.04 1.40
C PRO B 220 9.55 32.87 2.28
N SER B 221 9.81 31.64 2.71
CA SER B 221 10.97 31.36 3.54
C SER B 221 12.24 31.57 2.76
N THR B 222 13.32 31.69 3.50
CA THR B 222 14.63 31.92 2.92
C THR B 222 15.38 30.59 2.84
N THR B 223 14.86 29.59 3.54
CA THR B 223 15.47 28.25 3.58
C THR B 223 14.64 27.21 2.83
N GLY B 224 13.37 27.50 2.60
CA GLY B 224 12.50 26.58 1.88
C GLY B 224 11.34 26.04 2.68
N HIS B 225 11.50 24.83 3.20
CA HIS B 225 10.45 24.14 3.98
C HIS B 225 10.04 25.04 5.15
N GLY B 226 9.42 26.16 4.79
CA GLY B 226 9.02 27.22 5.71
C GLY B 226 7.90 26.91 6.68
N LEU B 227 7.00 26.01 6.31
CA LEU B 227 5.92 25.61 7.21
C LEU B 227 6.36 24.45 8.09
N ARG B 228 7.55 23.92 7.84
CA ARG B 228 8.09 22.82 8.65
C ARG B 228 7.98 23.17 10.13
N HIS B 229 8.39 24.39 10.44
CA HIS B 229 8.38 24.89 11.80
C HIS B 229 8.47 26.42 11.81
N ASN B 230 8.33 26.98 13.00
CA ASN B 230 8.41 28.42 13.19
C ASN B 230 9.77 28.80 13.76
N ALA B 231 10.00 30.10 13.94
CA ALA B 231 11.25 30.62 14.46
C ALA B 231 11.65 30.03 15.82
N SER B 232 10.67 29.64 16.62
CA SER B 232 10.94 29.07 17.97
C SER B 232 11.24 27.57 17.93
N GLY B 233 11.13 26.96 16.76
CA GLY B 233 11.36 25.52 16.61
C GLY B 233 10.10 24.70 16.89
N GLY B 234 8.98 25.37 16.95
CA GLY B 234 7.71 24.72 17.17
C GLY B 234 6.99 24.60 15.86
N GLY B 235 5.97 23.76 15.82
CA GLY B 235 5.20 23.58 14.60
C GLY B 235 4.29 22.36 14.57
N VAL B 236 3.58 22.24 13.45
CA VAL B 236 2.64 21.17 13.22
C VAL B 236 3.27 19.96 12.54
N GLY B 237 3.00 18.79 13.10
CA GLY B 237 3.49 17.53 12.57
C GLY B 237 2.30 16.66 12.20
N LEU B 238 2.58 15.58 11.49
CA LEU B 238 1.53 14.67 11.06
C LEU B 238 1.86 13.24 11.41
N VAL B 239 0.84 12.45 11.72
CA VAL B 239 1.06 11.05 12.04
C VAL B 239 0.38 10.21 10.96
N VAL B 240 1.20 9.63 10.11
CA VAL B 240 0.73 8.79 9.01
C VAL B 240 1.50 7.47 9.03
N GLY B 241 0.75 6.38 9.13
CA GLY B 241 1.32 5.03 9.18
C GLY B 241 2.17 4.66 7.99
N ALA B 242 3.35 4.11 8.26
CA ALA B 242 4.28 3.67 7.22
C ALA B 242 3.68 2.52 6.42
N THR B 243 2.74 1.85 7.03
CA THR B 243 2.08 0.74 6.39
C THR B 243 1.35 1.15 5.11
N ASP B 244 0.72 2.33 5.11
CA ASP B 244 -0.05 2.81 3.95
C ASP B 244 0.76 3.77 3.08
N ILE B 245 1.40 3.21 2.04
CA ILE B 245 2.22 4.01 1.10
C ILE B 245 1.41 5.06 0.35
N GLU B 246 0.19 4.71 -0.06
CA GLU B 246 -0.64 5.68 -0.77
C GLU B 246 -0.90 6.89 0.11
N ALA B 247 -1.29 6.64 1.35
CA ALA B 247 -1.61 7.71 2.30
C ALA B 247 -0.43 8.67 2.48
N LEU B 248 0.76 8.11 2.62
CA LEU B 248 1.97 8.93 2.74
C LEU B 248 2.10 9.83 1.51
N ARG B 249 1.90 9.26 0.32
CA ARG B 249 1.98 10.03 -0.93
C ARG B 249 0.95 11.15 -0.92
N GLU B 250 -0.28 10.81 -0.58
CA GLU B 250 -1.36 11.79 -0.54
C GLU B 250 -1.07 12.90 0.48
N VAL B 251 -0.71 12.51 1.69
CA VAL B 251 -0.43 13.48 2.75
C VAL B 251 0.72 14.42 2.38
N ARG B 252 1.82 13.84 1.90
CA ARG B 252 2.98 14.63 1.45
C ARG B 252 2.55 15.65 0.40
N LYS B 253 1.61 15.26 -0.47
CA LYS B 253 1.16 16.16 -1.53
C LYS B 253 0.42 17.35 -0.94
N ALA B 254 -0.41 17.10 0.05
CA ALA B 254 -1.20 18.15 0.68
C ALA B 254 -0.34 19.01 1.60
N CYS B 255 0.60 18.36 2.30
CA CYS B 255 1.53 19.03 3.22
C CYS B 255 2.95 18.74 2.77
N PRO B 256 3.48 19.54 1.85
CA PRO B 256 4.82 19.25 1.32
C PRO B 256 6.01 19.48 2.24
N ASP B 257 5.85 20.30 3.27
CA ASP B 257 6.96 20.65 4.16
C ASP B 257 6.93 20.02 5.54
N LEU B 258 5.74 19.68 6.02
CA LEU B 258 5.58 19.18 7.38
C LEU B 258 6.20 17.84 7.70
N TYR B 259 6.60 17.65 8.95
CA TYR B 259 7.14 16.37 9.38
C TYR B 259 6.04 15.32 9.51
N ILE B 260 6.42 14.07 9.28
CA ILE B 260 5.51 12.96 9.39
C ILE B 260 6.13 11.88 10.27
N LEU B 261 5.40 11.54 11.32
CA LEU B 261 5.79 10.47 12.22
C LEU B 261 5.11 9.26 11.62
N ALA B 262 5.89 8.25 11.22
CA ALA B 262 5.34 7.08 10.53
C ALA B 262 5.48 5.79 11.28
N PRO B 263 4.56 5.50 12.20
CA PRO B 263 4.63 4.21 12.88
C PRO B 263 4.29 3.06 11.92
N GLY B 264 4.73 1.85 12.27
CA GLY B 264 4.46 0.66 11.45
C GLY B 264 5.63 -0.26 11.28
N VAL B 265 6.83 0.30 11.19
CA VAL B 265 8.02 -0.49 11.02
C VAL B 265 8.22 -1.47 12.17
N GLY B 266 8.63 -2.68 11.82
CA GLY B 266 8.87 -3.74 12.80
C GLY B 266 7.59 -4.48 13.11
N ALA B 267 7.04 -4.18 14.28
CA ALA B 267 5.80 -4.80 14.77
C ALA B 267 4.74 -5.06 13.70
N GLN B 268 4.31 -4.02 13.01
CA GLN B 268 3.26 -4.14 11.98
C GLN B 268 3.78 -4.49 10.58
N GLY B 269 5.04 -4.93 10.52
CA GLY B 269 5.68 -5.36 9.28
C GLY B 269 5.59 -4.43 8.09
N ALA B 270 5.69 -3.13 8.35
CA ALA B 270 5.62 -2.13 7.29
C ALA B 270 6.85 -2.18 6.38
N ASP B 271 6.67 -1.74 5.14
CA ASP B 271 7.76 -1.71 4.16
C ASP B 271 8.49 -0.38 4.36
N LEU B 272 9.63 -0.42 5.02
CA LEU B 272 10.41 0.77 5.35
C LEU B 272 11.00 1.55 4.17
N GLU B 273 11.62 0.87 3.22
CA GLU B 273 12.22 1.55 2.08
C GLU B 273 11.09 2.27 1.29
N ARG B 274 9.99 1.57 1.01
CA ARG B 274 8.85 2.18 0.26
C ARG B 274 8.21 3.37 0.99
N ALA B 275 8.18 3.31 2.30
CA ALA B 275 7.55 4.37 3.13
C ALA B 275 8.31 5.70 3.03
N LEU B 276 9.61 5.62 3.29
CA LEU B 276 10.51 6.77 3.21
C LEU B 276 10.46 7.41 1.83
N SER B 277 10.48 6.58 0.78
CA SER B 277 10.43 7.07 -0.59
C SER B 277 9.20 7.93 -0.82
N ALA B 278 8.09 7.51 -0.24
CA ALA B 278 6.83 8.21 -0.41
C ALA B 278 6.73 9.48 0.42
N GLY B 279 7.24 9.43 1.64
CA GLY B 279 7.12 10.57 2.55
C GLY B 279 8.28 11.54 2.73
N LEU B 280 9.50 11.12 2.48
CA LEU B 280 10.61 12.03 2.66
C LEU B 280 10.47 13.27 1.80
N CYS B 281 11.05 14.37 2.25
CA CYS B 281 11.04 15.59 1.47
C CYS B 281 12.30 15.56 0.59
N LYS B 282 12.43 16.53 -0.33
CA LYS B 282 13.61 16.59 -1.21
C LYS B 282 14.94 16.54 -0.46
N ASP B 283 15.01 17.23 0.67
CA ASP B 283 16.24 17.32 1.45
C ASP B 283 16.58 16.09 2.29
N GLY B 284 15.79 15.03 2.15
CA GLY B 284 16.03 13.78 2.88
C GLY B 284 15.58 13.79 4.33
N LYS B 285 14.75 14.77 4.68
CA LYS B 285 14.23 14.89 6.04
C LYS B 285 12.70 14.99 6.01
N GLY B 286 12.11 15.55 7.06
CA GLY B 286 10.65 15.71 7.12
C GLY B 286 9.90 14.44 7.46
N MET B 287 10.60 13.47 7.98
CA MET B 287 9.95 12.23 8.34
C MET B 287 10.69 11.58 9.53
N LEU B 288 9.93 11.00 10.47
CA LEU B 288 10.48 10.31 11.65
C LEU B 288 9.99 8.87 11.72
N ILE B 289 10.93 7.94 11.90
CA ILE B 289 10.62 6.52 11.92
C ILE B 289 10.68 5.99 13.34
N PRO B 290 9.51 5.77 13.96
CA PRO B 290 9.50 5.25 15.32
C PRO B 290 9.50 3.73 15.36
N VAL B 291 10.31 3.18 16.26
CA VAL B 291 10.39 1.75 16.47
C VAL B 291 10.38 1.51 17.97
N SER B 292 9.61 0.51 18.41
CA SER B 292 9.49 0.14 19.83
C SER B 292 9.98 -1.29 20.03
N ARG B 293 9.05 -2.25 19.89
CA ARG B 293 9.34 -3.67 20.02
C ARG B 293 10.52 -4.10 19.12
N GLY B 294 10.59 -3.51 17.94
CA GLY B 294 11.64 -3.86 16.98
C GLY B 294 13.01 -3.75 17.60
N ILE B 295 13.12 -2.83 18.55
CA ILE B 295 14.37 -2.58 19.25
C ILE B 295 14.37 -3.23 20.63
N SER B 296 13.41 -2.86 21.48
CA SER B 296 13.34 -3.37 22.86
C SER B 296 13.45 -4.89 23.04
N ARG B 297 13.01 -5.67 22.06
CA ARG B 297 13.12 -7.13 22.14
C ARG B 297 14.43 -7.67 21.55
N ALA B 298 15.19 -6.80 20.90
CA ALA B 298 16.44 -7.22 20.27
C ALA B 298 17.49 -7.73 21.26
N GLU B 299 18.29 -8.70 20.82
CA GLU B 299 19.35 -9.26 21.66
C GLU B 299 20.29 -8.14 22.09
N ASN B 300 20.59 -7.27 21.13
CA ASN B 300 21.44 -6.09 21.34
C ASN B 300 20.67 -4.85 20.88
N LEU B 301 20.23 -4.06 21.85
CA LEU B 301 19.46 -2.85 21.55
C LEU B 301 20.21 -1.86 20.68
N ALA B 302 21.44 -1.55 21.05
CA ALA B 302 22.24 -0.59 20.31
C ALA B 302 22.49 -1.01 18.88
N ALA B 303 22.86 -2.27 18.69
CA ALA B 303 23.13 -2.78 17.34
C ALA B 303 21.90 -2.73 16.46
N GLN B 304 20.76 -3.08 17.05
CA GLN B 304 19.51 -3.09 16.31
C GLN B 304 19.13 -1.68 15.89
N ALA B 305 19.23 -0.75 16.85
CA ALA B 305 18.90 0.66 16.60
C ALA B 305 19.66 1.17 15.39
N ASN B 306 20.96 0.91 15.39
CA ASN B 306 21.81 1.33 14.30
C ASN B 306 21.43 0.65 12.99
N ALA B 307 20.99 -0.61 13.09
CA ALA B 307 20.61 -1.34 11.88
C ALA B 307 19.46 -0.60 11.17
N TYR B 308 18.47 -0.16 11.95
CA TYR B 308 17.37 0.61 11.37
C TYR B 308 17.88 1.95 10.87
N ARG B 309 18.74 2.56 11.66
CA ARG B 309 19.29 3.86 11.31
C ARG B 309 19.91 3.79 9.93
N GLU B 310 20.80 2.81 9.74
CA GLU B 310 21.51 2.64 8.48
C GLU B 310 20.58 2.31 7.36
N GLN B 311 19.65 1.42 7.65
CA GLN B 311 18.64 1.00 6.68
C GLN B 311 17.90 2.26 6.20
N ILE B 312 17.53 3.12 7.12
CA ILE B 312 16.86 4.39 6.78
C ILE B 312 17.80 5.25 5.93
N ASN B 313 19.02 5.41 6.37
CA ASN B 313 19.97 6.22 5.64
C ASN B 313 20.19 5.77 4.19
N GLU B 314 20.09 4.47 3.90
CA GLU B 314 20.31 4.04 2.51
C GLU B 314 19.29 4.72 1.60
N VAL B 315 18.06 4.84 2.06
CA VAL B 315 17.02 5.47 1.28
C VAL B 315 17.29 6.98 1.17
N ARG B 316 17.63 7.63 2.27
CA ARG B 316 17.92 9.07 2.24
C ARG B 316 19.03 9.43 1.23
N ARG B 317 20.05 8.61 1.11
CA ARG B 317 21.12 8.88 0.15
C ARG B 317 20.55 9.04 -1.25
N GLY B 318 19.71 8.10 -1.65
CA GLY B 318 19.12 8.11 -2.99
C GLY B 318 18.26 9.33 -3.26
N ILE B 319 17.38 9.64 -2.31
CA ILE B 319 16.46 10.78 -2.42
C ILE B 319 17.19 12.09 -2.63
N VAL B 320 18.22 12.29 -1.83
CA VAL B 320 19.02 13.50 -1.83
C VAL B 320 19.96 13.62 -3.03
N GLN B 321 20.36 12.49 -3.60
CA GLN B 321 21.28 12.51 -4.73
C GLN B 321 20.62 13.08 -6.00
N GLN B 322 19.54 13.86 -5.81
CA GLN B 322 18.77 14.48 -6.90
C GLN B 322 18.51 15.97 -6.62
C1 PEG C . -25.28 -29.17 -25.04
O1 PEG C . -25.11 -29.56 -23.68
C2 PEG C . -26.40 -28.14 -25.15
O2 PEG C . -27.61 -28.78 -25.55
C3 PEG C . -28.75 -27.94 -25.41
C4 PEG C . -29.94 -28.56 -26.15
O4 PEG C . -31.03 -28.88 -25.25
C1 PEG D . 9.51 -25.07 -19.27
O1 PEG D . 10.38 -26.08 -18.75
C2 PEG D . 9.40 -25.16 -20.78
O2 PEG D . 8.92 -26.46 -21.17
C3 PEG D . 8.34 -26.49 -22.48
C4 PEG D . 8.96 -27.65 -23.26
O4 PEG D . 8.27 -28.89 -23.03
C1 PGE E . -4.41 -15.37 -37.08
O1 PGE E . -5.72 -14.81 -37.27
C2 PGE E . -3.78 -14.74 -35.84
O2 PGE E . -2.48 -14.23 -36.15
C3 PGE E . -2.49 -12.93 -36.74
C4 PGE E . -1.06 -12.38 -36.83
O4 PGE E . -2.37 -7.83 -36.97
C6 PGE E . -1.32 -8.70 -36.51
C5 PGE E . -1.45 -10.08 -37.14
O3 PGE E . -0.97 -11.09 -36.25
N NO3 F . 1.39 29.33 27.16
O1 NO3 F . 1.56 28.98 28.32
O2 NO3 F . 2.35 29.00 26.18
O3 NO3 F . 0.26 30.07 26.78
C1 PEG G . 10.55 -1.55 -3.24
O1 PEG G . 10.19 -2.48 -2.21
C2 PEG G . 11.51 -0.52 -2.67
O2 PEG G . 11.75 0.50 -3.64
C3 PEG G . 10.90 1.64 -3.54
C4 PEG G . 10.37 1.99 -4.93
O4 PEG G . 9.84 3.32 -4.94
C1 PEG H . 1.46 24.20 38.06
O1 PEG H . 0.72 25.07 38.90
C2 PEG H . 1.24 24.63 36.62
O2 PEG H . 2.28 25.51 36.21
C3 PEG H . 2.20 25.86 34.82
C4 PEG H . 2.39 27.37 34.65
O4 PEG H . 3.74 27.75 34.94
#